data_2YDT
#
_entry.id   2YDT
#
_cell.length_a   105.435
_cell.length_b   105.435
_cell.length_c   140.038
_cell.angle_alpha   90.00
_cell.angle_beta   90.00
_cell.angle_gamma   90.00
#
_symmetry.space_group_name_H-M   'I 41 2 2'
#
loop_
_entity.id
_entity.type
_entity.pdbx_description
1 polymer EXO-1,5-ALPHA-L-ARABINOFURANOBIOSIDASE
2 non-polymer 1,4-DIDEOXY-1,4-IMINO-L-ARABINITOL
3 non-polymer alpha-L-arabinofuranose
4 non-polymer 'SULFATE ION'
5 non-polymer 'MANGANESE (II) ION'
6 non-polymer 'ACETATE ION'
7 water water
#
_entity_poly.entity_id   1
_entity_poly.type   'polypeptide(L)'
_entity_poly.pdbx_seq_one_letter_code
;AMKPAQKGKTFSNVEIFDPPTNYRDPQVLYARPLELSDGTLLGTWENYSPEPPNVWFPIVKSKDGGKTWKEISKVKDTQN
NWGLRYQPQLYELPRAFGKYPKGTVLCSGSSIPSDLSETLIEVYASRDKGYTWEFVSHVALGGEALPNPGLTPVWEPFLM
TYKEKLILYYSDQRDNATHSQKLVHQTTTDLKKWSKVVDDTKYANYYARPGMPTVAKLPNNEYIYVYEYGGGPNPPAGSD
YWFPVYYRLSKDPQKFLNKAHHQIVSNDGTTPAGSPYVVWTPYGGKNGTIVVSCGTRSEIFTNQALGDASAWKKWDVPQP
TAYTRSLLTFQKDPDLLMIMGAGILPPAGGKNTVSASVVRLSEVMKS
;
_entity_poly.pdbx_strand_id   A
#
# COMPACT_ATOMS: atom_id res chain seq x y z
N GLY A 8 6.68 -20.82 -18.68
CA GLY A 8 6.66 -20.64 -17.20
C GLY A 8 6.12 -19.27 -16.77
N LYS A 9 5.64 -19.21 -15.54
CA LYS A 9 5.05 -17.98 -15.03
C LYS A 9 5.93 -17.28 -14.03
N THR A 10 6.92 -17.98 -13.49
CA THR A 10 7.83 -17.38 -12.53
C THR A 10 9.00 -16.64 -13.20
N PHE A 11 9.55 -15.66 -12.48
CA PHE A 11 10.72 -14.91 -12.92
C PHE A 11 11.28 -14.11 -11.76
N SER A 12 12.55 -13.72 -11.88
CA SER A 12 13.24 -13.02 -10.81
C SER A 12 13.86 -11.70 -11.28
N ASN A 13 13.55 -10.63 -10.57
CA ASN A 13 14.21 -9.34 -10.80
C ASN A 13 14.07 -8.77 -12.19
N VAL A 14 12.86 -8.80 -12.72
CA VAL A 14 12.59 -8.16 -13.97
C VAL A 14 12.41 -6.64 -13.76
N GLU A 15 13.19 -5.85 -14.48
CA GLU A 15 13.13 -4.40 -14.38
C GLU A 15 11.94 -3.89 -15.14
N ILE A 16 11.18 -3.04 -14.46
CA ILE A 16 10.01 -2.38 -15.01
C ILE A 16 10.33 -0.95 -15.51
N PHE A 17 11.11 -0.23 -14.71
CA PHE A 17 11.50 1.14 -15.06
C PHE A 17 12.81 1.54 -14.39
N ASP A 18 13.71 2.12 -15.18
CA ASP A 18 14.94 2.69 -14.71
C ASP A 18 14.88 4.18 -15.01
N PRO A 19 14.87 5.03 -13.95
CA PRO A 19 14.65 6.44 -14.16
C PRO A 19 15.79 7.15 -14.91
N PRO A 20 15.47 8.21 -15.64
CA PRO A 20 16.53 9.10 -16.13
C PRO A 20 17.41 9.54 -14.96
N THR A 21 18.71 9.73 -15.20
CA THR A 21 19.60 9.98 -14.09
C THR A 21 19.45 11.33 -13.42
N ASN A 22 18.86 12.29 -14.12
CA ASN A 22 18.53 13.60 -13.57
C ASN A 22 17.24 13.66 -12.74
N TYR A 23 16.52 12.54 -12.60
CA TYR A 23 15.38 12.54 -11.68
C TYR A 23 15.83 12.83 -10.26
N ARG A 24 14.97 13.50 -9.50
CA ARG A 24 15.27 13.90 -8.11
C ARG A 24 15.24 12.74 -7.14
N ASP A 25 16.26 12.64 -6.29
CA ASP A 25 16.35 11.61 -5.22
C ASP A 25 15.03 11.57 -4.45
N PRO A 26 14.42 10.36 -4.30
CA PRO A 26 14.90 9.00 -4.61
C PRO A 26 14.63 8.50 -6.02
N GLN A 27 14.03 9.33 -6.87
CA GLN A 27 13.83 9.10 -8.31
C GLN A 27 12.57 8.29 -8.58
N VAL A 28 12.48 7.12 -7.97
CA VAL A 28 11.26 6.33 -7.93
C VAL A 28 11.13 5.81 -6.50
N LEU A 29 9.90 5.46 -6.10
CA LEU A 29 9.64 4.91 -4.77
C LEU A 29 8.19 4.42 -4.82
N TYR A 30 7.81 3.50 -3.92
CA TYR A 30 6.38 3.25 -3.67
C TYR A 30 5.69 2.55 -4.82
N ALA A 31 6.14 1.34 -5.15
CA ALA A 31 5.57 0.56 -6.25
C ALA A 31 4.26 -0.11 -5.83
N ARG A 32 3.32 -0.13 -6.78
CA ARG A 32 2.02 -0.78 -6.57
C ARG A 32 1.56 -1.51 -7.82
N PRO A 33 1.10 -2.78 -7.66
CA PRO A 33 0.57 -3.55 -8.80
C PRO A 33 -0.93 -3.78 -8.69
N LEU A 34 -1.50 -4.13 -9.83
CA LEU A 34 -2.95 -4.48 -9.89
C LEU A 34 -3.21 -5.52 -10.96
N GLU A 35 -3.99 -6.55 -10.61
CA GLU A 35 -4.48 -7.51 -11.63
C GLU A 35 -5.92 -7.18 -11.99
N LEU A 36 -6.19 -6.95 -13.27
CA LEU A 36 -7.55 -6.73 -13.74
C LEU A 36 -8.27 -8.06 -13.96
N SER A 37 -9.59 -7.98 -14.11
CA SER A 37 -10.40 -9.19 -14.25
C SER A 37 -10.09 -9.97 -15.52
N ASP A 38 -9.53 -9.31 -16.51
CA ASP A 38 -9.07 -9.96 -17.77
C ASP A 38 -7.64 -10.51 -17.74
N GLY A 39 -6.96 -10.39 -16.60
CA GLY A 39 -5.64 -10.92 -16.44
C GLY A 39 -4.50 -9.96 -16.75
N THR A 40 -4.82 -8.78 -17.30
CA THR A 40 -3.88 -7.69 -17.48
C THR A 40 -3.33 -7.26 -16.11
N LEU A 41 -2.03 -6.87 -16.06
CA LEU A 41 -1.47 -6.24 -14.86
C LEU A 41 -1.19 -4.78 -15.16
N LEU A 42 -1.48 -3.93 -14.18
CA LEU A 42 -1.07 -2.54 -14.20
C LEU A 42 -0.14 -2.29 -13.03
N GLY A 43 0.71 -1.30 -13.19
CA GLY A 43 1.62 -0.90 -12.15
C GLY A 43 1.83 0.60 -12.15
N THR A 44 2.26 1.13 -10.99
CA THR A 44 2.57 2.56 -10.82
C THR A 44 3.55 2.74 -9.67
N TRP A 45 4.00 3.97 -9.51
CA TRP A 45 4.98 4.36 -8.50
C TRP A 45 5.04 5.86 -8.42
N GLU A 46 5.70 6.36 -7.36
CA GLU A 46 6.03 7.80 -7.23
C GLU A 46 7.16 8.09 -8.20
N ASN A 47 6.98 9.10 -9.07
CA ASN A 47 7.91 9.38 -10.17
C ASN A 47 8.44 10.80 -9.99
N TYR A 48 9.68 10.90 -9.53
CA TYR A 48 10.26 12.16 -9.05
C TYR A 48 10.94 12.90 -10.21
N SER A 49 10.11 13.30 -11.15
CA SER A 49 10.60 14.00 -12.34
C SER A 49 10.90 15.46 -12.03
N PRO A 50 11.78 16.09 -12.82
CA PRO A 50 12.02 17.54 -12.66
C PRO A 50 10.80 18.31 -13.15
N GLU A 51 10.36 19.29 -12.36
CA GLU A 51 9.13 20.01 -12.57
C GLU A 51 9.41 21.48 -13.01
N PRO A 52 8.59 22.06 -13.90
CA PRO A 52 7.44 21.46 -14.53
C PRO A 52 7.80 20.53 -15.68
N PRO A 53 6.86 19.75 -16.18
CA PRO A 53 5.44 19.64 -15.78
C PRO A 53 5.30 19.05 -14.38
N ASN A 54 4.18 19.34 -13.74
CA ASN A 54 3.89 18.76 -12.40
C ASN A 54 4.02 17.23 -12.45
N VAL A 55 4.54 16.64 -11.37
CA VAL A 55 4.66 15.18 -11.28
C VAL A 55 3.32 14.46 -11.51
N TRP A 56 3.44 13.24 -12.01
CA TRP A 56 2.29 12.38 -12.35
C TRP A 56 2.60 10.96 -11.89
N PHE A 57 1.57 10.12 -11.89
CA PHE A 57 1.78 8.70 -11.61
C PHE A 57 1.82 7.98 -12.97
N PRO A 58 2.98 7.38 -13.33
CA PRO A 58 2.98 6.55 -14.56
C PRO A 58 2.13 5.28 -14.42
N ILE A 59 1.51 4.85 -15.52
CA ILE A 59 0.78 3.58 -15.56
C ILE A 59 1.40 2.69 -16.60
N VAL A 60 1.96 1.58 -16.12
CA VAL A 60 2.50 0.53 -17.00
C VAL A 60 1.56 -0.66 -17.06
N LYS A 61 1.60 -1.37 -18.18
CA LYS A 61 0.71 -2.51 -18.40
C LYS A 61 1.55 -3.71 -18.84
N SER A 62 1.20 -4.89 -18.31
CA SER A 62 1.78 -6.15 -18.76
C SER A 62 0.66 -7.11 -19.16
N LYS A 63 0.82 -7.74 -20.31
CA LYS A 63 -0.12 -8.76 -20.76
C LYS A 63 0.44 -10.18 -20.64
N ASP A 64 1.65 -10.34 -20.13
CA ASP A 64 2.29 -11.65 -19.98
C ASP A 64 2.66 -11.98 -18.56
N GLY A 65 1.84 -11.54 -17.62
CA GLY A 65 2.00 -11.89 -16.23
C GLY A 65 3.18 -11.23 -15.53
N GLY A 66 3.64 -10.12 -16.10
CA GLY A 66 4.72 -9.37 -15.51
C GLY A 66 6.09 -9.54 -16.12
N LYS A 67 6.20 -10.32 -17.19
CA LYS A 67 7.51 -10.48 -17.84
C LYS A 67 7.95 -9.26 -18.63
N THR A 68 7.00 -8.60 -19.31
CA THR A 68 7.29 -7.39 -20.03
C THR A 68 6.23 -6.32 -19.76
N TRP A 69 6.67 -5.06 -19.87
CA TRP A 69 5.84 -3.94 -19.48
C TRP A 69 5.97 -2.81 -20.47
N LYS A 70 4.91 -2.02 -20.62
CA LYS A 70 5.07 -0.72 -21.22
C LYS A 70 4.11 0.30 -20.68
N GLU A 71 4.51 1.55 -20.76
CA GLU A 71 3.70 2.61 -20.24
C GLU A 71 2.56 2.86 -21.20
N ILE A 72 1.35 2.93 -20.66
CA ILE A 72 0.16 3.19 -21.45
C ILE A 72 -0.50 4.53 -21.18
N SER A 73 -0.23 5.12 -20.02
CA SER A 73 -0.83 6.38 -19.64
C SER A 73 -0.14 6.98 -18.43
N LYS A 74 -0.62 8.16 -18.07
CA LYS A 74 -0.19 8.89 -16.89
CA LYS A 74 -0.19 8.89 -16.89
C LYS A 74 -1.42 9.41 -16.16
N VAL A 75 -1.45 9.23 -14.84
CA VAL A 75 -2.46 9.84 -14.01
C VAL A 75 -1.91 11.21 -13.60
N LYS A 76 -2.59 12.27 -14.04
CA LYS A 76 -2.18 13.66 -13.79
C LYS A 76 -3.15 14.40 -12.87
N ASP A 77 -2.62 15.36 -12.12
CA ASP A 77 -3.44 16.26 -11.32
C ASP A 77 -4.07 17.31 -12.27
N THR A 78 -5.37 17.19 -12.49
CA THR A 78 -6.12 18.13 -13.35
C THR A 78 -6.83 19.18 -12.53
N GLN A 79 -6.74 19.12 -11.19
CA GLN A 79 -7.52 19.97 -10.32
C GLN A 79 -6.75 21.10 -9.64
N ASN A 80 -5.52 20.81 -9.17
CA ASN A 80 -4.85 21.69 -8.21
C ASN A 80 -3.64 22.44 -8.72
N ASN A 81 -3.20 22.12 -9.94
CA ASN A 81 -1.94 22.59 -10.49
C ASN A 81 -0.78 22.33 -9.52
N TRP A 82 -0.79 21.16 -8.89
CA TRP A 82 0.24 20.76 -7.97
C TRP A 82 1.05 19.55 -8.47
N GLY A 83 0.35 18.53 -8.95
CA GLY A 83 0.96 17.23 -9.26
C GLY A 83 0.38 16.11 -8.40
N LEU A 84 0.51 14.89 -8.89
CA LEU A 84 0.16 13.65 -8.13
C LEU A 84 1.53 13.08 -7.72
N ARG A 85 1.83 13.23 -6.42
CA ARG A 85 3.21 13.19 -5.94
C ARG A 85 3.54 11.94 -5.12
N TYR A 86 2.73 11.65 -4.10
CA TYR A 86 3.07 10.59 -3.14
C TYR A 86 2.00 9.49 -3.10
N GLN A 87 2.46 8.27 -2.85
CA GLN A 87 1.61 7.18 -2.33
C GLN A 87 0.44 6.76 -3.20
N PRO A 88 0.72 6.46 -4.48
CA PRO A 88 -0.29 5.94 -5.36
C PRO A 88 -0.77 4.56 -4.93
N GLN A 89 -2.04 4.26 -5.24
CA GLN A 89 -2.63 2.93 -4.92
C GLN A 89 -3.63 2.61 -6.02
N LEU A 90 -3.46 1.47 -6.68
CA LEU A 90 -4.38 1.02 -7.73
C LEU A 90 -5.36 0.01 -7.17
N TYR A 91 -6.58 0.01 -7.70
CA TYR A 91 -7.65 -0.84 -7.17
C TYR A 91 -8.69 -1.03 -8.27
N GLU A 92 -9.21 -2.23 -8.41
CA GLU A 92 -10.29 -2.47 -9.38
C GLU A 92 -11.62 -2.63 -8.65
N LEU A 93 -12.63 -1.89 -9.06
CA LEU A 93 -13.96 -2.07 -8.46
C LEU A 93 -14.53 -3.48 -8.70
N PRO A 94 -14.92 -4.16 -7.61
CA PRO A 94 -15.50 -5.50 -7.73
C PRO A 94 -17.02 -5.45 -7.89
N ARG A 95 -17.60 -4.26 -7.79
CA ARG A 95 -19.02 -4.01 -7.97
C ARG A 95 -19.12 -2.52 -8.29
N ALA A 96 -20.31 -2.06 -8.65
CA ALA A 96 -20.52 -0.64 -8.99
C ALA A 96 -20.62 0.21 -7.75
N PHE A 97 -20.14 1.43 -7.87
CA PHE A 97 -20.42 2.48 -6.91
C PHE A 97 -20.97 3.66 -7.70
N GLY A 98 -22.29 3.87 -7.61
CA GLY A 98 -22.90 4.93 -8.40
C GLY A 98 -22.64 4.74 -9.88
N LYS A 99 -22.20 5.80 -10.54
CA LYS A 99 -21.96 5.77 -11.98
C LYS A 99 -20.62 5.18 -12.42
N TYR A 100 -19.89 4.58 -11.48
CA TYR A 100 -18.63 3.85 -11.78
C TYR A 100 -18.87 2.36 -11.68
N PRO A 101 -18.88 1.64 -12.82
CA PRO A 101 -19.26 0.23 -12.77
C PRO A 101 -18.16 -0.70 -12.32
N LYS A 102 -18.56 -1.94 -12.07
CA LYS A 102 -17.61 -3.04 -11.90
C LYS A 102 -16.57 -2.99 -12.99
N GLY A 103 -15.29 -3.13 -12.61
CA GLY A 103 -14.19 -3.11 -13.52
C GLY A 103 -13.53 -1.76 -13.74
N THR A 104 -14.14 -0.69 -13.22
CA THR A 104 -13.50 0.64 -13.23
C THR A 104 -12.21 0.46 -12.44
N VAL A 105 -11.15 1.04 -12.92
CA VAL A 105 -9.87 1.10 -12.21
C VAL A 105 -9.75 2.41 -11.48
N LEU A 106 -9.49 2.36 -10.16
CA LEU A 106 -9.23 3.53 -9.39
C LEU A 106 -7.70 3.66 -9.16
N CYS A 107 -7.26 4.91 -9.16
CA CYS A 107 -5.92 5.28 -8.69
C CYS A 107 -6.12 6.34 -7.64
N SER A 108 -5.81 6.04 -6.38
CA SER A 108 -5.79 7.03 -5.35
C SER A 108 -4.34 7.41 -5.07
N GLY A 109 -4.12 8.57 -4.50
CA GLY A 109 -2.79 9.06 -4.18
C GLY A 109 -2.89 10.47 -3.66
N SER A 110 -1.73 11.05 -3.32
CA SER A 110 -1.71 12.35 -2.69
C SER A 110 -1.17 13.42 -3.65
N SER A 111 -2.01 14.43 -3.87
CA SER A 111 -1.63 15.63 -4.62
C SER A 111 -1.00 16.62 -3.65
N ILE A 112 0.18 17.12 -4.00
CA ILE A 112 1.03 17.86 -3.10
C ILE A 112 1.81 18.88 -3.95
N PRO A 113 1.78 20.16 -3.56
CA PRO A 113 2.60 21.11 -4.30
C PRO A 113 4.07 20.84 -4.09
N SER A 114 4.89 21.33 -5.02
N SER A 114 4.89 21.32 -5.01
CA SER A 114 6.33 21.06 -5.00
CA SER A 114 6.31 21.00 -4.98
C SER A 114 6.98 21.45 -3.68
C SER A 114 7.01 21.46 -3.70
N ASP A 115 6.49 22.52 -3.07
CA ASP A 115 7.03 22.96 -1.80
C ASP A 115 6.60 22.15 -0.57
N LEU A 116 5.80 21.11 -0.82
CA LEU A 116 5.32 20.16 0.18
C LEU A 116 4.40 20.77 1.23
N SER A 117 3.79 21.92 0.95
CA SER A 117 3.05 22.67 1.97
C SER A 117 1.67 22.10 2.37
N GLU A 118 1.08 21.27 1.50
CA GLU A 118 -0.23 20.65 1.75
C GLU A 118 -0.26 19.22 1.21
N THR A 119 -1.22 18.44 1.71
CA THR A 119 -1.48 17.07 1.27
C THR A 119 -2.94 16.90 0.94
N LEU A 120 -3.24 16.20 -0.14
CA LEU A 120 -4.60 16.02 -0.57
C LEU A 120 -4.79 14.65 -1.23
N ILE A 121 -5.45 13.74 -0.51
CA ILE A 121 -5.74 12.43 -1.03
C ILE A 121 -6.91 12.57 -2.03
N GLU A 122 -6.67 12.07 -3.24
CA GLU A 122 -7.58 12.16 -4.40
C GLU A 122 -7.96 10.77 -4.84
N VAL A 123 -9.10 10.65 -5.50
CA VAL A 123 -9.42 9.46 -6.31
C VAL A 123 -9.60 9.85 -7.77
N TYR A 124 -8.90 9.14 -8.65
CA TYR A 124 -9.03 9.20 -10.11
C TYR A 124 -9.54 7.83 -10.59
N ALA A 125 -10.22 7.81 -11.72
CA ALA A 125 -10.80 6.59 -12.25
C ALA A 125 -10.57 6.44 -13.72
N SER A 126 -10.39 5.18 -14.16
CA SER A 126 -10.26 4.83 -15.57
C SER A 126 -11.41 3.89 -15.95
N ARG A 127 -12.13 4.27 -17.00
CA ARG A 127 -13.26 3.48 -17.51
C ARG A 127 -12.84 2.61 -18.70
N ASP A 128 -11.56 2.60 -19.03
CA ASP A 128 -11.07 1.87 -20.19
C ASP A 128 -9.81 1.04 -19.83
N LYS A 129 -9.77 0.50 -18.63
CA LYS A 129 -8.74 -0.46 -18.22
C LYS A 129 -7.33 0.17 -18.22
N GLY A 130 -7.28 1.46 -17.91
CA GLY A 130 -5.99 2.11 -17.62
C GLY A 130 -5.43 3.05 -18.68
N TYR A 131 -6.17 3.26 -19.78
CA TYR A 131 -5.71 4.09 -20.87
C TYR A 131 -6.00 5.59 -20.70
N THR A 132 -7.15 5.93 -20.09
CA THR A 132 -7.44 7.32 -19.74
C THR A 132 -7.92 7.39 -18.30
N TRP A 133 -7.86 8.60 -17.77
CA TRP A 133 -8.22 8.88 -16.38
C TRP A 133 -9.08 10.11 -16.24
N GLU A 134 -9.98 10.07 -15.26
N GLU A 134 -9.91 10.09 -15.21
CA GLU A 134 -10.85 11.19 -14.87
CA GLU A 134 -10.71 11.24 -14.86
C GLU A 134 -10.76 11.41 -13.36
C GLU A 134 -10.72 11.41 -13.36
N PHE A 135 -10.66 12.67 -12.94
CA PHE A 135 -10.79 13.04 -11.53
C PHE A 135 -12.17 12.67 -11.02
N VAL A 136 -12.23 11.99 -9.86
CA VAL A 136 -13.51 11.60 -9.29
C VAL A 136 -13.87 12.49 -8.13
N SER A 137 -13.04 12.51 -7.10
CA SER A 137 -13.29 13.30 -5.91
C SER A 137 -12.05 13.56 -5.07
N HIS A 138 -12.12 14.64 -4.29
CA HIS A 138 -11.23 14.90 -3.16
C HIS A 138 -11.70 14.13 -1.94
N VAL A 139 -10.77 13.45 -1.28
CA VAL A 139 -11.08 12.67 -0.09
C VAL A 139 -10.68 13.37 1.20
N ALA A 140 -9.42 13.70 1.34
CA ALA A 140 -8.91 14.21 2.61
C ALA A 140 -7.81 15.23 2.39
N LEU A 141 -7.99 16.42 2.95
CA LEU A 141 -6.98 17.47 2.93
C LEU A 141 -6.25 17.54 4.22
N GLY A 142 -4.93 17.65 4.15
CA GLY A 142 -4.08 17.85 5.27
C GLY A 142 -3.01 18.90 5.03
N GLY A 143 -2.13 19.00 6.00
CA GLY A 143 -1.06 19.99 5.98
C GLY A 143 0.24 19.50 5.39
N GLU A 144 1.36 20.03 5.90
CA GLU A 144 2.65 19.94 5.28
C GLU A 144 3.15 18.49 5.25
N ALA A 145 3.64 18.08 4.09
CA ALA A 145 4.04 16.70 3.83
C ALA A 145 5.41 16.33 4.35
N LEU A 146 5.61 16.48 5.66
CA LEU A 146 6.78 15.93 6.35
C LEU A 146 6.29 15.15 7.54
N PRO A 147 6.91 13.98 7.82
CA PRO A 147 6.40 13.09 8.89
C PRO A 147 6.88 13.49 10.29
N ASN A 148 6.58 14.73 10.66
CA ASN A 148 7.08 15.36 11.88
C ASN A 148 5.91 15.62 12.83
N PRO A 149 6.12 15.38 14.14
CA PRO A 149 5.05 15.59 15.11
C PRO A 149 4.58 17.04 15.09
N GLY A 150 3.26 17.25 15.12
CA GLY A 150 2.67 18.59 15.22
C GLY A 150 2.29 19.17 13.90
N LEU A 151 2.86 18.63 12.80
CA LEU A 151 2.30 18.92 11.47
C LEU A 151 1.02 18.12 11.22
N THR A 152 0.23 18.52 10.22
CA THR A 152 -1.08 17.92 10.01
C THR A 152 -1.30 17.19 8.65
N PRO A 153 -0.27 16.55 8.06
CA PRO A 153 -0.55 15.88 6.80
C PRO A 153 -1.40 14.61 6.88
N VAL A 154 -1.91 14.22 5.72
CA VAL A 154 -2.50 12.91 5.51
C VAL A 154 -1.66 12.16 4.48
N TRP A 155 -1.74 10.83 4.52
CA TRP A 155 -0.87 10.01 3.69
C TRP A 155 -1.46 8.64 3.39
N GLU A 156 -0.95 8.04 2.33
CA GLU A 156 -0.94 6.56 2.18
C GLU A 156 -2.30 5.88 2.07
N PRO A 157 -3.09 6.24 1.05
CA PRO A 157 -4.39 5.58 0.88
C PRO A 157 -4.34 4.10 0.56
N PHE A 158 -5.33 3.37 1.06
CA PHE A 158 -5.52 1.96 0.72
C PHE A 158 -7.04 1.73 0.58
N LEU A 159 -7.45 1.11 -0.53
CA LEU A 159 -8.87 0.92 -0.87
CA LEU A 159 -8.86 0.92 -0.88
C LEU A 159 -9.33 -0.52 -0.75
N MET A 160 -10.52 -0.72 -0.21
CA MET A 160 -11.12 -2.05 -0.12
C MET A 160 -12.66 -1.94 0.00
N THR A 161 -13.37 -2.81 -0.70
CA THR A 161 -14.82 -2.88 -0.61
C THR A 161 -15.24 -3.69 0.62
N TYR A 162 -16.33 -3.28 1.27
CA TYR A 162 -16.99 -4.09 2.32
C TYR A 162 -18.47 -3.93 2.16
N LYS A 163 -19.14 -5.00 1.75
CA LYS A 163 -20.58 -4.97 1.50
C LYS A 163 -20.92 -3.84 0.54
N GLU A 164 -21.75 -2.90 0.93
CA GLU A 164 -22.17 -1.91 -0.03
C GLU A 164 -21.30 -0.64 -0.01
N LYS A 165 -20.22 -0.65 0.77
CA LYS A 165 -19.34 0.52 0.91
C LYS A 165 -17.97 0.30 0.30
N LEU A 166 -17.37 1.36 -0.16
CA LEU A 166 -15.93 1.37 -0.49
C LEU A 166 -15.24 2.12 0.68
N ILE A 167 -14.22 1.47 1.25
CA ILE A 167 -13.47 2.05 2.36
C ILE A 167 -12.09 2.50 1.89
N LEU A 168 -11.71 3.70 2.29
CA LEU A 168 -10.38 4.25 2.03
C LEU A 168 -9.73 4.49 3.35
N TYR A 169 -8.69 3.69 3.62
CA TYR A 169 -7.88 3.73 4.83
C TYR A 169 -6.66 4.57 4.58
N TYR A 170 -6.28 5.40 5.57
CA TYR A 170 -5.08 6.19 5.43
C TYR A 170 -4.45 6.58 6.78
N SER A 171 -3.33 7.28 6.70
CA SER A 171 -2.55 7.80 7.83
C SER A 171 -2.87 9.28 8.03
N ASP A 172 -3.04 9.73 9.28
CA ASP A 172 -3.64 11.04 9.57
C ASP A 172 -2.92 11.70 10.71
N GLN A 173 -2.32 12.86 10.44
CA GLN A 173 -1.66 13.65 11.48
C GLN A 173 -2.49 14.85 11.94
N ARG A 174 -3.75 14.93 11.54
CA ARG A 174 -4.54 16.16 11.81
C ARG A 174 -4.98 16.28 13.29
N ASP A 175 -4.95 15.20 14.06
CA ASP A 175 -5.26 15.25 15.52
C ASP A 175 -3.93 15.54 16.24
N ASN A 176 -3.34 16.67 15.88
CA ASN A 176 -1.92 16.93 16.12
C ASN A 176 -1.57 17.33 17.53
N ALA A 177 -2.57 17.53 18.37
CA ALA A 177 -2.35 17.76 19.80
C ALA A 177 -2.49 16.50 20.64
N THR A 178 -2.95 15.38 20.05
CA THR A 178 -3.24 14.17 20.76
C THR A 178 -2.51 12.93 20.22
N HIS A 179 -2.29 12.88 18.90
CA HIS A 179 -1.54 11.78 18.29
C HIS A 179 -0.60 12.29 17.19
N SER A 180 0.69 12.06 17.37
CA SER A 180 1.67 12.45 16.32
C SER A 180 1.18 11.96 14.96
N GLN A 181 0.72 10.72 14.92
CA GLN A 181 -0.05 10.22 13.79
C GLN A 181 -1.01 9.16 14.32
N LYS A 182 -2.16 9.01 13.64
CA LYS A 182 -3.08 7.91 13.88
C LYS A 182 -3.54 7.37 12.52
N LEU A 183 -4.31 6.29 12.54
CA LEU A 183 -4.80 5.59 11.36
C LEU A 183 -6.32 5.71 11.34
N VAL A 184 -6.86 6.06 10.18
CA VAL A 184 -8.28 6.39 10.02
C VAL A 184 -8.81 5.92 8.70
N HIS A 185 -10.13 5.96 8.53
CA HIS A 185 -10.76 5.68 7.23
C HIS A 185 -11.95 6.58 6.99
N GLN A 186 -12.33 6.66 5.70
CA GLN A 186 -13.61 7.19 5.32
C GLN A 186 -14.24 6.22 4.35
N THR A 187 -15.58 6.25 4.26
CA THR A 187 -16.28 5.39 3.33
C THR A 187 -17.09 6.19 2.30
N THR A 188 -17.44 5.51 1.21
CA THR A 188 -18.28 6.11 0.18
C THR A 188 -19.20 5.06 -0.45
N THR A 189 -20.36 5.51 -0.95
CA THR A 189 -21.22 4.65 -1.72
C THR A 189 -21.35 5.10 -3.18
N ASP A 190 -20.93 6.32 -3.48
CA ASP A 190 -21.00 6.85 -4.87
C ASP A 190 -19.68 7.34 -5.43
N LEU A 191 -18.59 7.15 -4.66
N LEU A 191 -18.59 7.15 -4.66
CA LEU A 191 -17.27 7.67 -4.98
CA LEU A 191 -17.25 7.65 -4.99
C LEU A 191 -17.11 9.19 -4.98
C LEU A 191 -17.10 9.19 -4.97
N LYS A 192 -18.18 9.91 -4.66
CA LYS A 192 -18.18 11.38 -4.62
C LYS A 192 -18.27 11.97 -3.21
N LYS A 193 -19.18 11.42 -2.41
CA LYS A 193 -19.47 11.89 -1.05
C LYS A 193 -18.74 10.91 -0.10
N TRP A 194 -17.93 11.44 0.80
CA TRP A 194 -17.19 10.61 1.77
C TRP A 194 -17.74 10.81 3.19
N SER A 195 -17.80 9.75 3.95
CA SER A 195 -18.23 9.77 5.37
C SER A 195 -17.33 10.61 6.27
N LYS A 196 -17.86 10.89 7.47
CA LYS A 196 -17.05 11.36 8.58
C LYS A 196 -15.83 10.43 8.76
N VAL A 197 -14.70 11.00 9.14
CA VAL A 197 -13.52 10.20 9.52
C VAL A 197 -13.81 9.27 10.68
N VAL A 198 -13.41 8.01 10.54
CA VAL A 198 -13.52 6.99 11.60
C VAL A 198 -12.10 6.54 11.98
N ASP A 199 -11.80 6.55 13.28
CA ASP A 199 -10.47 6.08 13.74
C ASP A 199 -10.37 4.56 13.64
N ASP A 200 -9.21 4.09 13.14
CA ASP A 200 -8.91 2.67 12.98
C ASP A 200 -7.90 2.15 14.02
N THR A 201 -6.96 2.99 14.43
CA THR A 201 -5.88 2.60 15.34
C THR A 201 -5.23 3.88 15.81
N LYS A 202 -5.11 4.03 17.13
CA LYS A 202 -4.46 5.16 17.73
C LYS A 202 -3.94 4.79 19.11
N TYR A 203 -2.91 5.49 19.55
CA TYR A 203 -2.20 5.18 20.79
C TYR A 203 -2.10 6.39 21.71
N ALA A 204 -2.31 6.16 23.00
CA ALA A 204 -2.29 7.19 24.03
C ALA A 204 -0.96 7.94 24.17
N ASN A 205 0.14 7.24 23.91
N ASN A 205 0.15 7.25 23.92
CA ASN A 205 1.45 7.90 23.82
CA ASN A 205 1.45 7.93 23.84
C ASN A 205 1.48 8.83 22.61
C ASN A 205 1.48 8.83 22.62
N TYR A 206 1.59 10.13 22.86
CA TYR A 206 1.52 11.15 21.81
C TYR A 206 2.51 10.81 20.69
N TYR A 207 3.71 10.40 21.06
CA TYR A 207 4.77 10.24 20.08
C TYR A 207 4.67 8.98 19.23
N ALA A 208 3.72 8.07 19.53
CA ALA A 208 3.49 6.90 18.71
C ALA A 208 2.98 7.34 17.33
N ARG A 209 3.39 6.61 16.32
CA ARG A 209 3.07 6.91 14.90
C ARG A 209 2.72 5.61 14.19
N PRO A 210 1.54 5.02 14.51
CA PRO A 210 1.03 3.95 13.64
C PRO A 210 0.81 4.52 12.25
N GLY A 211 1.18 3.75 11.25
CA GLY A 211 1.16 4.23 9.87
C GLY A 211 1.09 3.11 8.84
N MET A 212 0.72 3.50 7.62
CA MET A 212 0.88 2.66 6.40
C MET A 212 -0.08 1.43 6.40
N PRO A 213 -1.40 1.68 6.37
CA PRO A 213 -2.39 0.59 6.53
C PRO A 213 -2.61 -0.21 5.25
N THR A 214 -2.63 -1.54 5.36
CA THR A 214 -3.13 -2.39 4.28
C THR A 214 -3.99 -3.48 4.91
N VAL A 215 -4.87 -4.07 4.08
CA VAL A 215 -5.93 -4.94 4.58
C VAL A 215 -6.15 -6.10 3.65
N ALA A 216 -6.44 -7.28 4.21
CA ALA A 216 -6.77 -8.42 3.40
C ALA A 216 -7.96 -9.19 4.03
N LYS A 217 -8.78 -9.78 3.19
CA LYS A 217 -9.92 -10.60 3.63
C LYS A 217 -9.51 -12.08 3.75
N LEU A 218 -9.92 -12.69 4.86
CA LEU A 218 -9.63 -14.06 5.22
C LEU A 218 -10.90 -14.92 5.01
N PRO A 219 -10.72 -16.24 4.87
CA PRO A 219 -11.85 -17.10 4.44
C PRO A 219 -12.78 -17.50 5.54
N ASN A 220 -12.50 -17.07 6.76
CA ASN A 220 -13.45 -17.19 7.89
C ASN A 220 -14.31 -15.92 8.10
N ASN A 221 -14.39 -15.10 7.07
CA ASN A 221 -15.09 -13.82 7.16
C ASN A 221 -14.48 -12.75 8.05
N GLU A 222 -13.26 -12.94 8.45
CA GLU A 222 -12.52 -11.90 9.14
C GLU A 222 -11.61 -11.20 8.16
N TYR A 223 -11.10 -10.07 8.61
CA TYR A 223 -10.16 -9.24 7.87
C TYR A 223 -8.94 -9.01 8.73
N ILE A 224 -7.77 -8.99 8.09
CA ILE A 224 -6.52 -8.63 8.77
C ILE A 224 -6.08 -7.24 8.32
N TYR A 225 -5.82 -6.40 9.33
CA TYR A 225 -5.36 -5.02 9.17
C TYR A 225 -3.93 -4.96 9.64
N VAL A 226 -3.03 -4.50 8.74
CA VAL A 226 -1.60 -4.50 9.00
C VAL A 226 -1.05 -3.08 8.92
N TYR A 227 -0.09 -2.77 9.77
CA TYR A 227 0.48 -1.45 9.85
C TYR A 227 1.85 -1.47 10.48
N GLU A 228 2.60 -0.39 10.28
CA GLU A 228 3.84 -0.20 11.09
C GLU A 228 3.47 0.60 12.35
N TYR A 229 3.89 0.09 13.50
CA TYR A 229 3.60 0.73 14.77
C TYR A 229 4.80 1.56 15.23
N GLY A 230 4.91 2.77 14.67
CA GLY A 230 5.94 3.72 15.10
C GLY A 230 5.84 3.96 16.60
N GLY A 231 6.93 3.76 17.32
CA GLY A 231 6.94 3.97 18.78
C GLY A 231 6.53 2.72 19.51
N GLY A 232 6.42 1.60 18.80
CA GLY A 232 5.98 0.34 19.42
C GLY A 232 6.98 -0.15 20.46
N PRO A 233 6.54 -1.04 21.35
CA PRO A 233 7.45 -1.43 22.45
C PRO A 233 8.68 -2.17 22.02
N ASN A 234 9.71 -2.11 22.88
CA ASN A 234 10.90 -2.94 22.76
C ASN A 234 11.75 -2.70 21.52
N PRO A 235 12.18 -1.43 21.31
CA PRO A 235 13.09 -1.16 20.20
C PRO A 235 14.37 -1.95 20.41
N PRO A 236 14.97 -2.46 19.34
CA PRO A 236 16.18 -3.25 19.52
C PRO A 236 17.38 -2.42 20.00
N ALA A 237 18.44 -3.12 20.37
CA ALA A 237 19.59 -2.48 20.97
C ALA A 237 20.15 -1.39 20.09
N GLY A 238 20.39 -0.24 20.70
CA GLY A 238 20.94 0.93 20.00
C GLY A 238 19.90 1.75 19.27
N SER A 239 18.62 1.53 19.61
CA SER A 239 17.51 2.28 19.01
C SER A 239 16.58 2.69 20.14
N ASP A 240 16.08 3.92 20.07
N ASP A 240 16.05 3.91 20.10
CA ASP A 240 15.11 4.43 21.03
CA ASP A 240 15.04 4.29 21.09
C ASP A 240 13.69 4.48 20.44
C ASP A 240 13.65 4.41 20.45
N TYR A 241 13.55 4.11 19.17
CA TYR A 241 12.25 4.26 18.45
C TYR A 241 12.28 3.36 17.19
N TRP A 242 11.27 2.51 16.99
CA TRP A 242 11.23 1.70 15.80
C TRP A 242 9.79 1.49 15.31
N PHE A 243 9.65 0.78 14.20
CA PHE A 243 8.40 0.64 13.47
C PHE A 243 8.03 -0.83 13.24
N PRO A 244 7.87 -1.62 14.33
CA PRO A 244 7.53 -3.02 14.15
C PRO A 244 6.17 -3.25 13.47
N VAL A 245 6.09 -4.30 12.67
CA VAL A 245 4.83 -4.67 12.00
C VAL A 245 3.83 -5.25 13.00
N TYR A 246 2.66 -4.61 13.10
CA TYR A 246 1.56 -5.08 13.95
C TYR A 246 0.34 -5.32 13.08
N TYR A 247 -0.61 -6.08 13.62
CA TYR A 247 -1.88 -6.33 12.95
C TYR A 247 -3.03 -6.50 13.93
N ARG A 248 -4.23 -6.36 13.40
CA ARG A 248 -5.47 -6.57 14.10
C ARG A 248 -6.41 -7.42 13.24
N LEU A 249 -7.33 -8.14 13.89
CA LEU A 249 -8.31 -8.98 13.20
C LEU A 249 -9.74 -8.55 13.55
N SER A 250 -10.61 -8.52 12.54
CA SER A 250 -11.99 -8.08 12.75
C SER A 250 -12.93 -8.63 11.69
N LYS A 251 -14.13 -9.04 12.12
CA LYS A 251 -15.18 -9.37 11.21
C LYS A 251 -15.69 -8.19 10.41
N ASP A 252 -15.73 -7.04 11.06
CA ASP A 252 -16.15 -5.81 10.44
C ASP A 252 -14.90 -4.94 10.26
N PRO A 253 -14.47 -4.71 8.99
CA PRO A 253 -13.21 -4.00 8.75
C PRO A 253 -13.34 -2.47 8.94
N GLN A 254 -14.51 -2.03 9.38
CA GLN A 254 -14.71 -0.65 9.88
C GLN A 254 -14.41 -0.46 11.36
N LYS A 255 -14.16 -1.59 12.04
CA LYS A 255 -14.06 -1.63 13.48
C LYS A 255 -12.76 -2.26 13.97
N PHE A 256 -11.65 -1.89 13.36
CA PHE A 256 -10.36 -2.33 13.89
C PHE A 256 -9.97 -1.64 15.21
N LEU A 257 -10.54 -0.48 15.52
CA LEU A 257 -10.04 0.35 16.61
C LEU A 257 -10.11 -0.39 17.95
N ASN A 258 -11.17 -1.18 18.14
N ASN A 258 -11.16 -1.17 18.16
CA ASN A 258 -11.40 -1.88 19.43
CA ASN A 258 -11.33 -1.78 19.46
C ASN A 258 -10.82 -3.26 19.55
C ASN A 258 -10.87 -3.25 19.53
N LYS A 259 -10.06 -3.68 18.56
CA LYS A 259 -9.53 -5.03 18.51
C LYS A 259 -8.13 -5.06 19.08
N ALA A 260 -7.78 -6.17 19.69
CA ALA A 260 -6.44 -6.35 20.24
C ALA A 260 -5.40 -6.27 19.13
N HIS A 261 -4.22 -5.77 19.47
CA HIS A 261 -3.14 -5.73 18.50
C HIS A 261 -2.17 -6.90 18.70
N HIS A 262 -1.43 -7.19 17.64
CA HIS A 262 -0.47 -8.30 17.63
C HIS A 262 0.78 -7.92 16.86
N GLN A 263 1.95 -8.11 17.45
CA GLN A 263 3.19 -7.99 16.72
C GLN A 263 3.44 -9.22 15.87
N ILE A 264 3.97 -9.05 14.67
CA ILE A 264 4.42 -10.18 13.87
C ILE A 264 5.82 -10.57 14.32
N VAL A 265 5.97 -11.80 14.81
CA VAL A 265 7.28 -12.37 15.17
C VAL A 265 7.30 -13.76 14.58
N SER A 266 8.28 -14.08 13.72
CA SER A 266 8.29 -15.43 13.10
C SER A 266 8.83 -16.43 14.12
N ASN A 267 8.72 -17.71 13.77
CA ASN A 267 9.10 -18.83 14.66
C ASN A 267 10.58 -18.76 15.10
N ASP A 268 11.47 -18.21 14.27
CA ASP A 268 12.88 -18.03 14.67
C ASP A 268 13.19 -16.75 15.43
N GLY A 269 12.16 -15.95 15.73
CA GLY A 269 12.31 -14.72 16.49
C GLY A 269 12.43 -13.44 15.67
N THR A 270 12.39 -13.55 14.35
CA THR A 270 12.55 -12.37 13.47
C THR A 270 11.37 -11.44 13.66
N THR A 271 11.69 -10.15 13.83
CA THR A 271 10.74 -9.08 14.09
C THR A 271 10.68 -8.09 12.89
N PRO A 272 9.81 -8.38 11.91
CA PRO A 272 9.71 -7.47 10.75
C PRO A 272 9.30 -6.09 11.19
N ALA A 273 9.88 -5.09 10.51
CA ALA A 273 9.61 -3.67 10.81
C ALA A 273 9.53 -2.90 9.50
N GLY A 274 8.70 -1.86 9.54
CA GLY A 274 8.64 -0.87 8.45
C GLY A 274 7.69 -1.20 7.32
N SER A 275 6.92 -0.18 6.90
CA SER A 275 6.19 -0.16 5.65
C SER A 275 5.72 -1.51 5.11
N PRO A 276 4.77 -2.11 5.85
CA PRO A 276 4.35 -3.44 5.48
C PRO A 276 3.26 -3.48 4.41
N TYR A 277 3.05 -4.66 3.86
CA TYR A 277 2.02 -4.87 2.86
C TYR A 277 1.49 -6.29 3.03
N VAL A 278 0.17 -6.46 3.09
CA VAL A 278 -0.46 -7.78 3.28
C VAL A 278 -1.34 -8.18 2.11
N VAL A 279 -1.32 -9.48 1.77
CA VAL A 279 -2.34 -10.08 0.90
C VAL A 279 -2.75 -11.41 1.51
N TRP A 280 -3.84 -11.98 0.99
CA TRP A 280 -4.23 -13.34 1.30
C TRP A 280 -4.47 -14.05 -0.02
N THR A 281 -4.02 -15.32 -0.05
CA THR A 281 -4.29 -16.20 -1.17
C THR A 281 -4.96 -17.49 -0.68
N PRO A 282 -5.85 -18.08 -1.50
CA PRO A 282 -6.44 -19.40 -1.17
C PRO A 282 -5.42 -20.56 -1.17
N TYR A 283 -4.23 -20.34 -1.72
CA TYR A 283 -3.18 -21.36 -1.69
C TYR A 283 -2.91 -21.85 -0.26
N GLY A 284 -2.75 -23.16 -0.09
CA GLY A 284 -2.15 -23.71 1.11
C GLY A 284 -3.08 -24.45 2.04
N GLY A 285 -4.30 -24.70 1.62
CA GLY A 285 -5.25 -25.38 2.51
C GLY A 285 -6.46 -24.54 2.82
N LYS A 286 -7.30 -25.04 3.72
CA LYS A 286 -8.58 -24.40 3.95
C LYS A 286 -8.46 -22.96 4.46
N ASN A 287 -7.42 -22.66 5.24
CA ASN A 287 -7.19 -21.30 5.75
C ASN A 287 -6.43 -20.38 4.78
N GLY A 288 -6.05 -20.92 3.62
CA GLY A 288 -5.16 -20.22 2.69
C GLY A 288 -3.89 -19.77 3.37
N THR A 289 -3.26 -18.73 2.80
CA THR A 289 -1.98 -18.23 3.28
C THR A 289 -2.03 -16.69 3.29
N ILE A 290 -1.87 -16.12 4.48
CA ILE A 290 -1.65 -14.67 4.64
C ILE A 290 -0.19 -14.44 4.32
N VAL A 291 0.13 -13.45 3.48
CA VAL A 291 1.50 -13.12 3.11
C VAL A 291 1.79 -11.64 3.44
N VAL A 292 2.84 -11.41 4.20
CA VAL A 292 3.24 -10.05 4.59
C VAL A 292 4.67 -9.76 4.15
N SER A 293 4.87 -8.58 3.60
CA SER A 293 6.21 -8.01 3.37
C SER A 293 6.39 -6.87 4.33
N CYS A 294 7.67 -6.60 4.67
CA CYS A 294 8.03 -5.34 5.31
C CYS A 294 9.13 -4.63 4.52
N GLY A 295 9.40 -3.38 4.86
CA GLY A 295 10.29 -2.52 4.09
C GLY A 295 11.75 -2.49 4.54
N THR A 296 12.12 -3.39 5.46
CA THR A 296 13.49 -3.42 6.02
C THR A 296 14.18 -4.78 5.85
N ARG A 297 13.46 -5.78 5.34
CA ARG A 297 14.02 -7.13 5.10
C ARG A 297 13.50 -7.66 3.81
N SER A 298 14.19 -8.66 3.23
CA SER A 298 13.79 -9.22 1.94
C SER A 298 12.85 -10.40 2.00
N GLU A 299 12.75 -11.06 3.16
CA GLU A 299 11.91 -12.24 3.27
C GLU A 299 10.42 -11.91 3.20
N ILE A 300 9.62 -12.94 2.93
CA ILE A 300 8.16 -12.85 3.12
C ILE A 300 7.81 -13.61 4.42
N PHE A 301 6.72 -13.18 5.03
CA PHE A 301 6.20 -13.71 6.27
C PHE A 301 4.81 -14.27 6.02
N THR A 302 4.59 -15.53 6.41
CA THR A 302 3.34 -16.20 6.06
C THR A 302 2.60 -16.71 7.29
N ASN A 303 1.30 -16.88 7.15
CA ASN A 303 0.45 -17.39 8.25
C ASN A 303 -0.71 -18.14 7.65
N GLN A 304 -0.73 -19.46 7.93
CA GLN A 304 -1.74 -20.36 7.45
C GLN A 304 -2.71 -20.75 8.57
N ALA A 305 -2.77 -19.93 9.63
CA ALA A 305 -3.61 -20.18 10.81
C ALA A 305 -4.49 -18.95 11.13
N LEU A 306 -4.93 -18.25 10.07
CA LEU A 306 -5.91 -17.18 10.19
C LEU A 306 -5.46 -16.05 11.10
N GLY A 307 -4.13 -15.86 11.19
CA GLY A 307 -3.57 -14.80 11.99
C GLY A 307 -3.18 -15.13 13.41
N ASP A 308 -3.18 -16.44 13.73
CA ASP A 308 -2.67 -16.90 15.02
C ASP A 308 -1.27 -16.36 15.24
N ALA A 309 -1.06 -15.64 16.33
CA ALA A 309 0.22 -14.98 16.58
C ALA A 309 1.42 -15.92 16.74
N SER A 310 1.15 -17.20 17.01
N SER A 310 1.14 -17.21 16.98
CA SER A 310 2.22 -18.21 17.12
CA SER A 310 2.21 -18.22 17.11
C SER A 310 2.61 -18.88 15.82
C SER A 310 2.60 -18.90 15.81
N ALA A 311 1.97 -18.55 14.70
CA ALA A 311 2.09 -19.32 13.49
C ALA A 311 2.74 -18.56 12.31
N TRP A 312 3.46 -17.48 12.56
CA TRP A 312 4.14 -16.76 11.46
C TRP A 312 5.44 -17.47 11.10
N LYS A 313 5.67 -17.66 9.81
CA LYS A 313 6.90 -18.27 9.29
C LYS A 313 7.57 -17.28 8.33
N LYS A 314 8.87 -17.46 8.11
CA LYS A 314 9.66 -16.55 7.28
C LYS A 314 10.35 -17.32 6.17
N TRP A 315 10.37 -16.77 4.95
CA TRP A 315 10.93 -17.41 3.75
C TRP A 315 11.69 -16.44 2.86
N ASP A 316 12.87 -16.85 2.38
CA ASP A 316 13.63 -16.05 1.44
C ASP A 316 12.98 -16.04 0.09
N VAL A 317 13.13 -14.90 -0.61
CA VAL A 317 12.68 -14.75 -1.96
C VAL A 317 13.73 -13.96 -2.74
N PRO A 318 13.68 -13.98 -4.08
CA PRO A 318 14.75 -13.31 -4.82
C PRO A 318 14.64 -11.80 -4.98
N GLN A 319 13.47 -11.26 -4.64
CA GLN A 319 13.25 -9.83 -4.82
C GLN A 319 13.88 -9.07 -3.66
N PRO A 320 14.64 -7.96 -3.96
CA PRO A 320 15.31 -7.26 -2.91
C PRO A 320 14.41 -6.48 -1.93
N THR A 321 15.00 -6.09 -0.81
CA THR A 321 14.35 -5.20 0.16
C THR A 321 14.02 -3.86 -0.48
N ALA A 322 12.81 -3.39 -0.21
CA ALA A 322 12.39 -2.08 -0.68
C ALA A 322 11.37 -1.46 0.29
N TYR A 323 11.37 -0.13 0.35
CA TYR A 323 10.34 0.61 1.07
C TYR A 323 8.97 0.31 0.50
N THR A 324 8.06 -0.05 1.40
CA THR A 324 6.68 -0.42 1.06
C THR A 324 6.61 -1.38 -0.15
N ARG A 325 7.50 -2.37 -0.15
CA ARG A 325 7.47 -3.43 -1.14
C ARG A 325 6.09 -4.07 -1.11
N SER A 326 5.49 -4.26 -2.28
CA SER A 326 4.10 -4.68 -2.38
C SER A 326 3.96 -6.06 -2.94
N LEU A 327 2.75 -6.60 -2.80
CA LEU A 327 2.43 -7.99 -3.17
C LEU A 327 1.15 -8.10 -3.96
N LEU A 328 1.09 -9.12 -4.81
CA LEU A 328 -0.06 -9.38 -5.62
C LEU A 328 -0.23 -10.90 -5.76
N THR A 329 -1.45 -11.38 -5.57
N THR A 329 -1.46 -11.39 -5.59
CA THR A 329 -1.77 -12.80 -5.82
CA THR A 329 -1.78 -12.79 -5.86
C THR A 329 -2.58 -12.91 -7.12
C THR A 329 -2.55 -12.88 -7.18
N PHE A 330 -2.38 -13.98 -7.91
CA PHE A 330 -3.00 -14.12 -9.22
C PHE A 330 -4.27 -14.95 -9.15
N GLN A 331 -5.32 -14.41 -9.73
CA GLN A 331 -6.67 -14.99 -9.63
C GLN A 331 -6.68 -16.45 -10.13
N LYS A 332 -6.00 -16.69 -11.22
CA LYS A 332 -6.05 -18.00 -11.90
C LYS A 332 -5.07 -18.99 -11.37
N ASP A 333 -4.13 -18.54 -10.55
CA ASP A 333 -3.19 -19.47 -9.90
C ASP A 333 -2.75 -18.91 -8.58
N PRO A 334 -3.48 -19.23 -7.54
CA PRO A 334 -3.21 -18.75 -6.19
C PRO A 334 -1.81 -19.10 -5.64
N ASP A 335 -1.11 -20.06 -6.25
CA ASP A 335 0.28 -20.36 -5.86
C ASP A 335 1.25 -19.26 -6.28
N LEU A 336 0.89 -18.48 -7.30
CA LEU A 336 1.80 -17.45 -7.82
C LEU A 336 1.69 -16.16 -6.97
N LEU A 337 2.84 -15.59 -6.67
CA LEU A 337 2.91 -14.36 -5.89
C LEU A 337 3.87 -13.38 -6.57
N MET A 338 3.38 -12.18 -6.89
CA MET A 338 4.28 -11.11 -7.38
C MET A 338 4.72 -10.26 -6.21
N ILE A 339 6.01 -9.90 -6.21
CA ILE A 339 6.63 -9.06 -5.22
C ILE A 339 7.27 -7.91 -5.99
N MET A 340 6.84 -6.65 -5.70
CA MET A 340 7.17 -5.49 -6.54
C MET A 340 7.73 -4.40 -5.65
N GLY A 341 8.82 -3.77 -6.07
CA GLY A 341 9.43 -2.69 -5.33
C GLY A 341 10.01 -1.60 -6.17
N ALA A 342 10.20 -0.44 -5.52
CA ALA A 342 10.81 0.71 -6.19
C ALA A 342 11.93 1.29 -5.36
N GLY A 343 12.65 0.45 -4.64
CA GLY A 343 13.86 0.89 -4.01
C GLY A 343 13.65 1.46 -2.63
N ILE A 344 14.68 2.18 -2.16
CA ILE A 344 14.77 2.62 -0.78
C ILE A 344 14.50 4.10 -0.60
N LEU A 345 14.17 4.47 0.63
CA LEU A 345 13.99 5.86 1.00
C LEU A 345 15.22 6.69 0.67
N PRO A 346 15.02 7.99 0.37
CA PRO A 346 16.21 8.82 0.13
C PRO A 346 17.06 8.95 1.41
N PRO A 347 18.40 9.06 1.24
CA PRO A 347 19.13 9.18 -0.01
C PRO A 347 19.37 7.84 -0.66
N ALA A 348 18.97 7.72 -1.94
CA ALA A 348 19.05 6.46 -2.66
C ALA A 348 20.23 6.33 -3.62
N GLY A 349 21.02 7.40 -3.71
CA GLY A 349 22.28 7.35 -4.48
C GLY A 349 22.14 7.11 -5.96
N GLY A 350 20.99 7.44 -6.53
CA GLY A 350 20.72 7.22 -7.95
C GLY A 350 20.36 5.79 -8.33
N LYS A 351 20.21 4.89 -7.35
CA LYS A 351 20.18 3.48 -7.65
C LYS A 351 18.80 2.82 -7.65
N ASN A 352 17.77 3.55 -7.27
CA ASN A 352 16.41 2.92 -7.26
C ASN A 352 15.93 2.65 -8.67
N THR A 353 15.30 1.48 -8.84
CA THR A 353 14.58 1.15 -10.06
C THR A 353 13.27 0.50 -9.59
N VAL A 354 12.32 0.44 -10.50
CA VAL A 354 11.05 -0.31 -10.29
C VAL A 354 11.26 -1.72 -10.86
N SER A 355 11.03 -2.75 -10.05
CA SER A 355 11.21 -4.10 -10.55
C SER A 355 10.26 -5.07 -9.84
N ALA A 356 10.19 -6.32 -10.33
CA ALA A 356 9.31 -7.31 -9.69
C ALA A 356 9.85 -8.71 -9.92
N SER A 357 9.41 -9.61 -9.07
CA SER A 357 9.60 -11.05 -9.25
C SER A 357 8.25 -11.75 -9.09
N VAL A 358 8.08 -12.90 -9.73
CA VAL A 358 6.93 -13.76 -9.48
C VAL A 358 7.50 -15.10 -9.01
N VAL A 359 7.09 -15.53 -7.84
CA VAL A 359 7.51 -16.78 -7.20
C VAL A 359 6.30 -17.68 -6.98
N ARG A 360 6.54 -18.98 -6.76
CA ARG A 360 5.53 -19.90 -6.32
C ARG A 360 5.68 -20.20 -4.84
N LEU A 361 4.59 -20.10 -4.09
CA LEU A 361 4.61 -20.32 -2.67
C LEU A 361 4.94 -21.80 -2.41
N SER A 362 4.46 -22.67 -3.31
CA SER A 362 4.77 -24.12 -3.23
C SER A 362 6.28 -24.40 -3.27
N GLU A 363 7.04 -23.48 -3.84
CA GLU A 363 8.51 -23.62 -3.89
C GLU A 363 9.25 -22.84 -2.82
N VAL A 364 8.82 -21.60 -2.59
CA VAL A 364 9.35 -20.75 -1.55
C VAL A 364 9.16 -21.30 -0.14
N MET A 365 8.05 -21.97 0.10
CA MET A 365 7.68 -22.40 1.43
C MET A 365 8.18 -23.81 1.74
N LYS A 366 9.47 -24.02 1.54
CA LYS A 366 10.20 -25.22 1.96
C LYS A 366 11.39 -24.84 2.81
#